data_5Y3Z
#
_entry.id   5Y3Z
#
_cell.length_a   44.130
_cell.length_b   84.800
_cell.length_c   86.830
_cell.angle_alpha   90.00
_cell.angle_beta   90.00
_cell.angle_gamma   90.00
#
_symmetry.space_group_name_H-M   'P 21 21 21'
#
loop_
_entity.id
_entity.type
_entity.pdbx_description
1 polymer 'Motility protein B'
2 non-polymer ARGININE
3 non-polymer IMIDAZOLE
4 non-polymer (4S)-2-METHYL-2,4-PENTANEDIOL
5 water water
#
_entity_poly.entity_id   1
_entity_poly.type   'polypeptide(L)'
_entity_poly.pdbx_seq_one_letter_code
;EKQPNIDELKKRMEQSRPNKLRGDLDQLIESDPKLRALRPHLKIDLVQEGLRIQIIDSQNRPMFKTGSAEVEPYMRDILR
AIAPVLNGIPNRISLAGHTDDFPYANGEKGYSNWELSADRANASRRELVAGGLDNGKVLRVVGMAATMRLSDRGPDDAIN
RRISLLVLNKQAEQAILHHHHHH
;
_entity_poly.pdbx_strand_id   A,B
#
# COMPACT_ATOMS: atom_id res chain seq x y z
N ARG A 39 7.47 25.65 10.98
CA ARG A 39 7.42 25.29 9.57
C ARG A 39 8.12 23.95 9.34
N PRO A 40 7.39 22.96 8.83
CA PRO A 40 7.91 21.62 8.59
C PRO A 40 8.94 21.59 7.46
N HIS A 41 9.79 20.56 7.45
CA HIS A 41 10.79 20.43 6.41
C HIS A 41 10.89 18.98 5.92
N LEU A 42 11.49 18.79 4.75
CA LEU A 42 11.75 17.45 4.24
C LEU A 42 13.16 17.02 4.59
N LYS A 43 13.29 15.76 4.99
CA LYS A 43 14.62 15.17 5.18
C LYS A 43 14.85 14.13 4.10
N ILE A 44 15.85 14.37 3.26
CA ILE A 44 16.17 13.46 2.17
C ILE A 44 17.55 12.85 2.33
N ASP A 45 17.60 11.52 2.39
CA ASP A 45 18.87 10.81 2.52
C ASP A 45 18.89 9.54 1.66
N LEU A 46 20.08 8.99 1.48
CA LEU A 46 20.24 7.81 0.65
C LEU A 46 19.99 6.51 1.42
N VAL A 47 19.22 5.62 0.81
CA VAL A 47 19.03 4.28 1.34
C VAL A 47 19.30 3.28 0.22
N GLN A 48 19.20 1.98 0.54
CA GLN A 48 19.47 0.94 -0.44
C GLN A 48 18.51 1.00 -1.63
N GLU A 49 17.28 1.43 -1.38
CA GLU A 49 16.23 1.40 -2.39
C GLU A 49 16.16 2.70 -3.19
N GLY A 50 16.96 3.68 -2.81
CA GLY A 50 16.99 4.96 -3.49
C GLY A 50 17.01 6.15 -2.56
N LEU A 51 16.13 7.11 -2.82
CA LEU A 51 16.03 8.31 -1.99
C LEU A 51 14.83 8.23 -1.05
N ARG A 52 15.09 8.28 0.25
CA ARG A 52 14.02 8.32 1.24
C ARG A 52 13.67 9.76 1.60
N ILE A 53 12.39 10.09 1.53
CA ILE A 53 11.93 11.43 1.88
C ILE A 53 10.99 11.41 3.07
N GLN A 54 11.41 12.03 4.15
CA GLN A 54 10.58 12.13 5.36
C GLN A 54 10.14 13.56 5.60
N ILE A 55 8.93 13.72 6.13
CA ILE A 55 8.44 15.04 6.54
C ILE A 55 8.63 15.18 8.05
N ILE A 56 9.36 16.22 8.46
CA ILE A 56 9.68 16.40 9.86
C ILE A 56 9.26 17.78 10.37
N ASP A 57 8.55 17.80 11.50
CA ASP A 57 8.15 19.06 12.12
C ASP A 57 9.07 19.37 13.29
N SER A 58 9.52 20.62 13.36
CA SER A 58 10.50 21.04 14.36
C SER A 58 9.97 20.90 15.79
N GLN A 59 8.69 21.19 15.98
CA GLN A 59 8.08 21.12 17.31
C GLN A 59 7.70 19.68 17.67
N ASN A 60 8.15 18.73 16.84
CA ASN A 60 7.80 17.32 17.00
C ASN A 60 6.29 17.12 17.04
N ARG A 61 5.58 17.93 16.27
CA ARG A 61 4.13 17.88 16.20
C ARG A 61 3.65 16.89 15.16
N PRO A 62 2.65 16.06 15.51
CA PRO A 62 2.04 15.13 14.55
C PRO A 62 1.49 15.86 13.33
N MET A 63 1.71 15.30 12.14
CA MET A 63 1.32 15.98 10.92
C MET A 63 -0.09 15.60 10.48
N PHE A 64 -0.66 14.59 11.14
CA PHE A 64 -2.06 14.23 10.96
C PHE A 64 -2.81 14.29 12.28
N LYS A 65 -4.06 14.76 12.24
CA LYS A 65 -4.93 14.65 13.39
C LYS A 65 -5.21 13.17 13.64
N THR A 66 -5.47 12.81 14.90
CA THR A 66 -5.72 11.42 15.23
C THR A 66 -6.94 10.88 14.48
N GLY A 67 -6.74 9.75 13.79
CA GLY A 67 -7.80 9.13 13.01
C GLY A 67 -8.10 9.82 11.70
N SER A 68 -7.30 10.82 11.34
CA SER A 68 -7.55 11.61 10.14
C SER A 68 -6.53 11.36 9.04
N ALA A 69 -7.01 11.31 7.80
CA ALA A 69 -6.14 11.19 6.64
C ALA A 69 -6.11 12.51 5.87
N GLU A 70 -6.66 13.55 6.49
CA GLU A 70 -6.63 14.88 5.91
C GLU A 70 -5.27 15.52 6.16
N VAL A 71 -4.58 15.90 5.09
CA VAL A 71 -3.26 16.51 5.25
C VAL A 71 -3.43 18.01 5.51
N GLU A 72 -2.66 18.52 6.46
CA GLU A 72 -2.79 19.89 6.92
C GLU A 72 -2.19 20.89 5.91
N PRO A 73 -2.67 22.15 5.93
CA PRO A 73 -2.22 23.19 5.01
C PRO A 73 -0.70 23.34 4.91
N TYR A 74 0.00 23.26 6.05
CA TYR A 74 1.45 23.39 6.06
C TYR A 74 2.09 22.22 5.31
N MET A 75 1.59 21.02 5.57
CA MET A 75 2.06 19.82 4.89
C MET A 75 1.65 19.84 3.43
N ARG A 76 0.51 20.46 3.15
CA ARG A 76 0.01 20.59 1.79
C ARG A 76 0.99 21.35 0.91
N ASP A 77 1.49 22.47 1.43
CA ASP A 77 2.38 23.33 0.66
C ASP A 77 3.71 22.67 0.34
N ILE A 78 4.31 22.00 1.31
CA ILE A 78 5.62 21.40 1.12
C ILE A 78 5.54 20.19 0.18
N LEU A 79 4.39 19.51 0.19
CA LEU A 79 4.19 18.37 -0.71
C LEU A 79 4.03 18.81 -2.15
N ARG A 80 3.20 19.83 -2.37
CA ARG A 80 2.97 20.34 -3.71
C ARG A 80 4.24 20.96 -4.30
N ALA A 81 5.07 21.53 -3.44
CA ALA A 81 6.28 22.21 -3.88
C ALA A 81 7.36 21.22 -4.37
N ILE A 82 7.38 20.02 -3.80
CA ILE A 82 8.42 19.05 -4.13
C ILE A 82 8.04 18.24 -5.38
N ALA A 83 6.79 18.35 -5.81
CA ALA A 83 6.29 17.60 -6.95
C ALA A 83 7.03 17.90 -8.27
N PRO A 84 7.29 19.18 -8.59
CA PRO A 84 8.05 19.42 -9.83
C PRO A 84 9.46 18.82 -9.78
N VAL A 85 10.05 18.80 -8.59
CA VAL A 85 11.38 18.22 -8.43
C VAL A 85 11.37 16.73 -8.75
N LEU A 86 10.34 16.04 -8.27
CA LEU A 86 10.18 14.61 -8.53
C LEU A 86 10.03 14.33 -10.02
N ASN A 87 9.37 15.25 -10.73
CA ASN A 87 9.21 15.12 -12.18
C ASN A 87 10.55 15.20 -12.91
N GLY A 88 11.48 15.96 -12.35
CA GLY A 88 12.80 16.09 -12.92
C GLY A 88 13.59 14.79 -12.80
N ILE A 89 13.51 14.17 -11.63
CA ILE A 89 14.13 12.88 -11.39
C ILE A 89 13.41 11.80 -12.19
N PRO A 90 14.14 11.11 -13.08
CA PRO A 90 13.56 10.14 -14.01
C PRO A 90 13.00 8.89 -13.33
N ASN A 91 13.24 8.76 -12.02
CA ASN A 91 12.80 7.59 -11.28
C ASN A 91 11.34 7.66 -10.85
N ARG A 92 10.73 6.49 -10.65
N ARG A 92 10.73 6.49 -10.65
CA ARG A 92 9.36 6.41 -10.14
CA ARG A 92 9.37 6.42 -10.13
C ARG A 92 9.38 6.39 -8.61
C ARG A 92 9.37 6.35 -8.62
N ILE A 93 8.22 6.63 -8.01
CA ILE A 93 8.14 6.75 -6.55
C ILE A 93 7.18 5.78 -5.87
N SER A 94 7.43 5.55 -4.59
CA SER A 94 6.54 4.78 -3.74
C SER A 94 6.10 5.65 -2.57
N LEU A 95 4.81 5.65 -2.26
CA LEU A 95 4.27 6.45 -1.18
C LEU A 95 3.74 5.57 -0.06
N ALA A 96 4.15 5.87 1.18
CA ALA A 96 3.76 5.06 2.32
C ALA A 96 3.03 5.89 3.37
N GLY A 97 1.98 5.32 3.95
CA GLY A 97 1.27 5.96 5.03
C GLY A 97 1.50 5.24 6.34
N HIS A 98 1.52 5.98 7.44
CA HIS A 98 1.81 5.41 8.75
C HIS A 98 0.80 5.89 9.80
N THR A 99 0.63 5.09 10.85
CA THR A 99 -0.25 5.46 11.95
C THR A 99 0.46 5.26 13.29
N ASP A 100 -0.10 5.83 14.37
CA ASP A 100 0.34 5.46 15.71
C ASP A 100 -0.33 4.14 16.05
N ASP A 101 -0.04 3.56 17.21
N ASP A 101 -0.03 3.61 17.24
CA ASP A 101 -0.60 2.25 17.52
CA ASP A 101 -0.50 2.30 17.66
C ASP A 101 -1.88 2.33 18.33
C ASP A 101 -1.91 2.31 18.25
N PHE A 102 -2.53 3.48 18.30
CA PHE A 102 -3.87 3.60 18.89
C PHE A 102 -4.84 2.85 17.99
N PRO A 103 -5.47 1.79 18.53
CA PRO A 103 -6.31 0.89 17.73
C PRO A 103 -7.73 1.40 17.54
N TYR A 104 -8.44 0.80 16.59
CA TYR A 104 -9.88 1.03 16.45
C TYR A 104 -10.61 -0.02 17.27
N ALA A 105 -11.91 0.19 17.49
CA ALA A 105 -12.66 -0.59 18.47
C ALA A 105 -12.73 -2.09 18.17
N ASN A 106 -12.75 -2.47 16.91
CA ASN A 106 -12.98 -3.86 16.53
C ASN A 106 -11.85 -4.86 16.85
N GLY A 107 -10.60 -4.63 16.44
CA GLY A 107 -10.14 -3.44 15.76
C GLY A 107 -9.36 -3.70 14.49
N GLU A 108 -9.31 -4.96 14.07
CA GLU A 108 -8.71 -5.31 12.78
C GLU A 108 -9.74 -6.00 11.90
N LYS A 109 -10.92 -6.26 12.46
CA LYS A 109 -11.99 -6.90 11.71
C LYS A 109 -12.58 -5.97 10.66
N GLY A 110 -12.71 -4.69 10.99
CA GLY A 110 -13.25 -3.71 10.08
C GLY A 110 -12.24 -2.64 9.73
N TYR A 111 -12.68 -1.38 9.69
CA TYR A 111 -11.80 -0.26 9.45
C TYR A 111 -10.71 -0.23 10.51
N SER A 112 -9.46 -0.09 10.08
CA SER A 112 -8.32 -0.18 10.99
C SER A 112 -7.21 0.76 10.58
N ASN A 113 -6.05 0.61 11.24
CA ASN A 113 -4.88 1.41 10.91
C ASN A 113 -4.34 1.09 9.53
N TRP A 114 -4.71 -0.08 9.00
CA TRP A 114 -4.31 -0.47 7.66
C TRP A 114 -5.04 0.38 6.62
N GLU A 115 -6.34 0.54 6.81
CA GLU A 115 -7.13 1.40 5.94
C GLU A 115 -6.70 2.86 6.09
N LEU A 116 -6.45 3.27 7.34
CA LEU A 116 -6.09 4.65 7.62
C LEU A 116 -4.74 5.03 7.03
N SER A 117 -3.76 4.14 7.17
CA SER A 117 -2.42 4.41 6.65
C SER A 117 -2.45 4.45 5.12
N ALA A 118 -3.25 3.57 4.52
CA ALA A 118 -3.40 3.55 3.07
C ALA A 118 -4.06 4.83 2.58
N ASP A 119 -5.05 5.32 3.34
CA ASP A 119 -5.73 6.56 3.01
C ASP A 119 -4.77 7.76 3.10
N ARG A 120 -3.85 7.70 4.06
CA ARG A 120 -2.87 8.78 4.24
C ARG A 120 -1.86 8.79 3.09
N ALA A 121 -1.50 7.60 2.60
CA ALA A 121 -0.60 7.49 1.47
C ALA A 121 -1.21 8.13 0.23
N ASN A 122 -2.47 7.82 -0.04
CA ASN A 122 -3.16 8.36 -1.21
C ASN A 122 -3.49 9.84 -1.05
N ALA A 123 -3.68 10.28 0.19
CA ALA A 123 -3.92 11.69 0.47
C ALA A 123 -2.70 12.51 0.07
N SER A 124 -1.52 12.01 0.39
CA SER A 124 -0.28 12.67 0.01
C SER A 124 -0.06 12.58 -1.50
N ARG A 125 -0.52 11.47 -2.09
CA ARG A 125 -0.45 11.29 -3.53
C ARG A 125 -1.22 12.38 -4.26
N ARG A 126 -2.44 12.64 -3.79
CA ARG A 126 -3.30 13.64 -4.41
C ARG A 126 -2.72 15.05 -4.27
N GLU A 127 -1.96 15.29 -3.22
CA GLU A 127 -1.32 16.58 -3.02
C GLU A 127 -0.15 16.75 -3.99
N LEU A 128 0.60 15.68 -4.21
CA LEU A 128 1.69 15.71 -5.18
C LEU A 128 1.15 15.97 -6.58
N VAL A 129 0.03 15.35 -6.90
CA VAL A 129 -0.60 15.54 -8.21
C VAL A 129 -1.08 16.98 -8.36
N ALA A 130 -1.65 17.53 -7.29
CA ALA A 130 -2.07 18.92 -7.27
C ALA A 130 -0.88 19.86 -7.45
N GLY A 131 0.30 19.39 -7.03
CA GLY A 131 1.52 20.16 -7.19
C GLY A 131 2.11 20.02 -8.58
N GLY A 132 1.53 19.13 -9.38
CA GLY A 132 1.93 18.96 -10.75
C GLY A 132 2.71 17.70 -11.05
N LEU A 133 2.58 16.69 -10.18
CA LEU A 133 3.24 15.41 -10.39
C LEU A 133 2.77 14.75 -11.69
N ASP A 134 3.72 14.32 -12.50
CA ASP A 134 3.41 13.71 -13.79
C ASP A 134 2.69 12.38 -13.64
N ASN A 135 1.85 12.05 -14.63
CA ASN A 135 1.24 10.73 -14.69
C ASN A 135 2.29 9.66 -14.88
N GLY A 136 2.15 8.55 -14.16
CA GLY A 136 3.08 7.45 -14.29
C GLY A 136 4.27 7.55 -13.37
N LYS A 137 4.34 8.61 -12.57
CA LYS A 137 5.43 8.79 -11.62
C LYS A 137 5.27 7.84 -10.43
N VAL A 138 4.03 7.59 -10.03
CA VAL A 138 3.76 6.70 -8.91
C VAL A 138 3.76 5.25 -9.37
N LEU A 139 4.50 4.41 -8.66
CA LEU A 139 4.53 2.98 -8.95
C LEU A 139 3.72 2.21 -7.91
N ARG A 140 3.58 2.79 -6.72
CA ARG A 140 3.03 2.06 -5.59
C ARG A 140 2.57 2.97 -4.46
N VAL A 141 1.40 2.68 -3.89
CA VAL A 141 0.97 3.30 -2.65
C VAL A 141 0.92 2.23 -1.57
N VAL A 142 1.39 2.58 -0.37
CA VAL A 142 1.58 1.58 0.68
C VAL A 142 1.00 2.01 2.02
N GLY A 143 0.27 1.09 2.66
CA GLY A 143 -0.22 1.30 4.01
C GLY A 143 0.56 0.45 5.00
N MET A 144 1.27 1.09 5.92
CA MET A 144 2.17 0.39 6.84
C MET A 144 1.63 0.26 8.25
N ALA A 145 0.47 0.89 8.51
CA ALA A 145 -0.09 0.99 9.84
C ALA A 145 0.96 1.53 10.83
N ALA A 146 1.17 0.82 11.92
CA ALA A 146 2.13 1.24 12.93
C ALA A 146 3.38 0.36 12.96
N THR A 147 3.60 -0.38 11.88
CA THR A 147 4.70 -1.34 11.83
C THR A 147 6.07 -0.68 11.69
N MET A 148 6.10 0.51 11.08
CA MET A 148 7.36 1.24 10.92
C MET A 148 7.47 2.37 11.93
N ARG A 149 7.85 2.01 13.15
CA ARG A 149 7.95 2.96 14.26
C ARG A 149 9.26 3.75 14.20
N LEU A 150 9.17 5.07 14.29
CA LEU A 150 10.35 5.93 14.35
C LEU A 150 11.09 5.65 15.66
N SER A 151 12.40 5.84 15.69
CA SER A 151 13.17 5.40 16.85
C SER A 151 13.79 6.54 17.67
N ASP A 152 14.17 7.63 17.02
CA ASP A 152 14.83 8.73 17.74
C ASP A 152 14.08 10.06 17.62
N ARG A 153 12.76 9.99 17.64
CA ARG A 153 11.95 11.20 17.55
C ARG A 153 11.08 11.41 18.79
N GLY A 154 11.60 10.98 19.95
CA GLY A 154 10.89 11.16 21.19
C GLY A 154 10.02 9.98 21.58
N PRO A 155 9.47 10.01 22.79
CA PRO A 155 8.65 8.91 23.34
C PRO A 155 7.18 8.97 22.98
N ASP A 156 6.71 10.07 22.38
CA ASP A 156 5.29 10.19 22.04
C ASP A 156 4.98 9.47 20.73
N ASP A 157 4.06 8.50 20.82
CA ASP A 157 3.74 7.64 19.67
C ASP A 157 3.01 8.39 18.57
N ALA A 158 2.45 9.55 18.92
CA ALA A 158 1.65 10.34 17.98
C ALA A 158 2.48 10.86 16.80
N ILE A 159 3.80 10.88 16.97
CA ILE A 159 4.70 11.36 15.92
C ILE A 159 4.71 10.42 14.71
N ASN A 160 4.17 9.23 14.88
CA ASN A 160 4.14 8.24 13.80
C ASN A 160 3.02 8.50 12.80
N ARG A 161 2.11 9.40 13.15
CA ARG A 161 1.06 9.81 12.23
C ARG A 161 1.66 10.62 11.08
N ARG A 162 1.97 9.93 9.99
CA ARG A 162 2.75 10.54 8.93
C ARG A 162 2.70 9.80 7.60
N ILE A 163 3.33 10.37 6.59
CA ILE A 163 3.59 9.67 5.34
C ILE A 163 5.08 9.78 5.02
N SER A 164 5.56 8.87 4.18
CA SER A 164 6.94 8.91 3.73
C SER A 164 7.01 8.65 2.24
N LEU A 165 8.04 9.18 1.59
CA LEU A 165 8.23 8.97 0.16
C LEU A 165 9.49 8.19 -0.12
N LEU A 166 9.46 7.39 -1.18
CA LEU A 166 10.62 6.65 -1.61
C LEU A 166 10.84 6.82 -3.11
N VAL A 167 11.92 7.48 -3.48
CA VAL A 167 12.31 7.59 -4.88
C VAL A 167 13.11 6.35 -5.25
N LEU A 168 12.48 5.45 -6.00
CA LEU A 168 13.04 4.12 -6.26
C LEU A 168 14.15 4.14 -7.29
N ASN A 169 15.28 3.51 -6.95
CA ASN A 169 16.31 3.26 -7.95
C ASN A 169 15.88 2.13 -8.87
N LYS A 170 16.63 1.91 -9.94
CA LYS A 170 16.28 0.90 -10.94
C LYS A 170 16.16 -0.49 -10.31
N GLN A 171 17.03 -0.78 -9.35
CA GLN A 171 17.04 -2.10 -8.71
C GLN A 171 15.77 -2.32 -7.88
N ALA A 172 15.36 -1.31 -7.13
CA ALA A 172 14.16 -1.41 -6.30
C ALA A 172 12.90 -1.51 -7.16
N GLU A 173 12.88 -0.77 -8.26
CA GLU A 173 11.75 -0.76 -9.17
C GLU A 173 11.60 -2.10 -9.88
N GLN A 174 12.70 -2.58 -10.47
CA GLN A 174 12.69 -3.86 -11.17
C GLN A 174 12.34 -4.99 -10.22
N ALA A 175 12.70 -4.83 -8.95
CA ALA A 175 12.27 -5.76 -7.92
C ALA A 175 10.75 -5.74 -7.84
N ILE A 176 10.20 -4.60 -7.41
CA ILE A 176 8.76 -4.41 -7.27
C ILE A 176 7.95 -4.89 -8.49
N LEU A 177 8.43 -4.56 -9.68
CA LEU A 177 7.69 -4.83 -10.92
C LEU A 177 7.63 -6.32 -11.28
N HIS A 178 8.69 -7.06 -10.98
CA HIS A 178 8.75 -8.47 -11.34
C HIS A 178 8.12 -9.37 -10.26
N HIS A 179 7.71 -8.75 -9.16
CA HIS A 179 6.90 -9.47 -8.16
C HIS A 179 5.56 -9.85 -8.75
N LEU B 38 -14.73 -26.35 -13.20
CA LEU B 38 -13.54 -26.57 -12.38
C LEU B 38 -13.29 -25.41 -11.40
N ARG B 39 -12.81 -25.76 -10.22
CA ARG B 39 -12.61 -24.79 -9.14
C ARG B 39 -11.30 -24.00 -9.34
N PRO B 40 -11.30 -22.70 -9.00
CA PRO B 40 -10.07 -21.88 -9.06
C PRO B 40 -8.90 -22.48 -8.30
N HIS B 41 -7.69 -22.17 -8.74
CA HIS B 41 -6.49 -22.73 -8.14
C HIS B 41 -5.51 -21.64 -7.68
N LEU B 42 -4.48 -22.05 -6.94
CA LEU B 42 -3.45 -21.14 -6.48
C LEU B 42 -2.22 -21.20 -7.38
N LYS B 43 -1.74 -20.03 -7.78
CA LYS B 43 -0.47 -19.93 -8.50
C LYS B 43 0.57 -19.32 -7.59
N ILE B 44 1.61 -20.09 -7.28
CA ILE B 44 2.61 -19.67 -6.32
C ILE B 44 4.00 -19.62 -6.92
N ASP B 45 4.64 -18.46 -6.88
CA ASP B 45 5.99 -18.32 -7.42
C ASP B 45 6.89 -17.51 -6.49
N LEU B 46 8.19 -17.68 -6.67
CA LEU B 46 9.19 -17.01 -5.84
C LEU B 46 9.53 -15.63 -6.39
N VAL B 47 9.34 -14.61 -5.58
CA VAL B 47 9.70 -13.25 -5.97
C VAL B 47 10.72 -12.69 -4.98
N GLN B 48 11.24 -11.50 -5.27
CA GLN B 48 12.41 -10.98 -4.54
C GLN B 48 12.18 -10.79 -3.04
N GLU B 49 11.00 -10.32 -2.65
CA GLU B 49 10.75 -10.10 -1.23
C GLU B 49 9.81 -11.14 -0.63
N GLY B 50 9.73 -12.31 -1.26
CA GLY B 50 9.01 -13.42 -0.67
C GLY B 50 8.35 -14.40 -1.61
N LEU B 51 7.27 -15.02 -1.11
CA LEU B 51 6.53 -16.03 -1.85
C LEU B 51 5.17 -15.48 -2.27
N ARG B 52 5.00 -15.21 -3.56
CA ARG B 52 3.77 -14.60 -4.04
C ARG B 52 2.67 -15.63 -4.29
N ILE B 53 1.46 -15.32 -3.84
CA ILE B 53 0.31 -16.19 -4.02
C ILE B 53 -0.79 -15.51 -4.83
N GLN B 54 -1.09 -16.06 -5.99
CA GLN B 54 -2.18 -15.56 -6.82
C GLN B 54 -3.32 -16.57 -6.86
N ILE B 55 -4.55 -16.07 -6.92
CA ILE B 55 -5.71 -16.94 -7.04
C ILE B 55 -6.25 -16.87 -8.47
N ILE B 56 -6.08 -17.97 -9.20
CA ILE B 56 -6.46 -18.02 -10.61
C ILE B 56 -7.81 -18.70 -10.80
N ASP B 57 -8.75 -18.01 -11.43
CA ASP B 57 -10.08 -18.56 -11.67
C ASP B 57 -10.24 -19.06 -13.10
N SER B 58 -10.64 -20.32 -13.24
CA SER B 58 -10.86 -20.91 -14.56
C SER B 58 -12.04 -20.26 -15.27
N GLN B 59 -13.06 -19.89 -14.51
CA GLN B 59 -14.27 -19.31 -15.07
C GLN B 59 -14.10 -17.83 -15.41
N ASN B 60 -12.90 -17.32 -15.15
CA ASN B 60 -12.54 -15.93 -15.46
C ASN B 60 -13.50 -14.91 -14.82
N ARG B 61 -13.87 -15.16 -13.57
CA ARG B 61 -14.67 -14.20 -12.81
C ARG B 61 -13.75 -13.20 -12.12
N PRO B 62 -13.96 -11.90 -12.39
CA PRO B 62 -13.20 -10.86 -11.69
C PRO B 62 -13.45 -10.90 -10.19
N MET B 63 -12.44 -10.57 -9.39
CA MET B 63 -12.57 -10.58 -7.93
C MET B 63 -13.42 -9.42 -7.44
N PHE B 64 -13.49 -8.37 -8.25
CA PHE B 64 -14.25 -7.18 -7.90
C PHE B 64 -15.05 -6.68 -9.10
N LYS B 65 -16.23 -6.14 -8.84
CA LYS B 65 -16.98 -5.45 -9.89
C LYS B 65 -16.31 -4.12 -10.21
N THR B 66 -16.69 -3.52 -11.33
CA THR B 66 -16.12 -2.25 -11.75
C THR B 66 -16.35 -1.15 -10.72
N GLY B 67 -15.26 -0.48 -10.32
CA GLY B 67 -15.35 0.61 -9.38
C GLY B 67 -15.72 0.19 -7.98
N SER B 68 -15.62 -1.11 -7.71
CA SER B 68 -15.99 -1.65 -6.41
C SER B 68 -14.81 -2.26 -5.68
N ALA B 69 -14.81 -2.15 -4.35
CA ALA B 69 -13.79 -2.78 -3.52
C ALA B 69 -14.44 -3.88 -2.68
N GLU B 70 -15.62 -4.31 -3.08
CA GLU B 70 -16.32 -5.39 -2.39
C GLU B 70 -15.93 -6.74 -2.98
N VAL B 71 -15.34 -7.59 -2.17
CA VAL B 71 -14.86 -8.90 -2.61
C VAL B 71 -16.00 -9.78 -3.07
N GLU B 72 -15.89 -10.33 -4.28
CA GLU B 72 -16.88 -11.25 -4.81
C GLU B 72 -16.99 -12.51 -3.94
N PRO B 73 -18.21 -13.05 -3.80
CA PRO B 73 -18.52 -14.19 -2.92
C PRO B 73 -17.57 -15.37 -3.05
N TYR B 74 -17.21 -15.76 -4.26
CA TYR B 74 -16.38 -16.94 -4.46
C TYR B 74 -14.95 -16.72 -3.94
N MET B 75 -14.52 -15.47 -3.94
CA MET B 75 -13.19 -15.13 -3.44
C MET B 75 -13.17 -15.03 -1.91
N ARG B 76 -14.32 -14.69 -1.34
CA ARG B 76 -14.44 -14.60 0.12
C ARG B 76 -14.21 -15.98 0.74
N ASP B 77 -14.80 -16.99 0.11
CA ASP B 77 -14.65 -18.37 0.57
C ASP B 77 -13.20 -18.83 0.51
N ILE B 78 -12.51 -18.44 -0.55
CA ILE B 78 -11.13 -18.84 -0.76
C ILE B 78 -10.19 -18.18 0.26
N LEU B 79 -10.35 -16.87 0.45
CA LEU B 79 -9.51 -16.12 1.37
C LEU B 79 -9.66 -16.62 2.80
N ARG B 80 -10.90 -16.92 3.20
CA ARG B 80 -11.17 -17.44 4.54
C ARG B 80 -10.53 -18.82 4.72
N ALA B 81 -10.41 -19.56 3.62
CA ALA B 81 -9.80 -20.89 3.65
C ALA B 81 -8.27 -20.78 3.75
N ILE B 82 -7.73 -19.69 3.22
CA ILE B 82 -6.28 -19.48 3.19
C ILE B 82 -5.75 -19.03 4.56
N ALA B 83 -6.56 -18.24 5.26
CA ALA B 83 -6.16 -17.63 6.53
C ALA B 83 -5.55 -18.60 7.57
N PRO B 84 -6.22 -19.74 7.86
CA PRO B 84 -5.63 -20.59 8.89
C PRO B 84 -4.31 -21.21 8.47
N VAL B 85 -4.09 -21.37 7.17
CA VAL B 85 -2.83 -21.89 6.66
C VAL B 85 -1.72 -20.87 6.88
N LEU B 86 -2.03 -19.60 6.62
CA LEU B 86 -1.07 -18.52 6.81
C LEU B 86 -0.68 -18.37 8.28
N ASN B 87 -1.60 -18.73 9.17
CA ASN B 87 -1.32 -18.70 10.61
C ASN B 87 -0.28 -19.74 10.99
N GLY B 88 -0.12 -20.76 10.15
CA GLY B 88 0.78 -21.87 10.43
C GLY B 88 2.26 -21.56 10.25
N ILE B 89 2.55 -20.43 9.63
CA ILE B 89 3.94 -20.03 9.39
C ILE B 89 4.27 -18.75 10.15
N PRO B 90 5.53 -18.59 10.58
CA PRO B 90 5.94 -17.41 11.35
C PRO B 90 5.99 -16.14 10.51
N ASN B 91 6.13 -16.29 9.19
CA ASN B 91 6.29 -15.16 8.29
C ASN B 91 5.11 -14.19 8.31
N ARG B 92 5.39 -12.91 8.11
CA ARG B 92 4.35 -11.91 8.00
C ARG B 92 3.94 -11.75 6.54
N ILE B 93 2.79 -11.13 6.31
N ILE B 93 2.77 -11.19 6.28
CA ILE B 93 2.14 -11.10 5.01
CA ILE B 93 2.28 -11.13 4.92
C ILE B 93 2.01 -9.69 4.43
C ILE B 93 2.06 -9.71 4.43
N SER B 94 2.09 -9.57 3.10
CA SER B 94 1.78 -8.31 2.44
C SER B 94 0.63 -8.54 1.48
N LEU B 95 -0.25 -7.56 1.35
CA LEU B 95 -1.43 -7.70 0.49
C LEU B 95 -1.48 -6.59 -0.55
N ALA B 96 -1.66 -6.97 -1.81
CA ALA B 96 -1.67 -6.00 -2.90
C ALA B 96 -2.98 -6.02 -3.66
N GLY B 97 -3.48 -4.83 -4.00
CA GLY B 97 -4.69 -4.72 -4.80
C GLY B 97 -4.37 -4.25 -6.22
N HIS B 98 -5.25 -4.58 -7.15
CA HIS B 98 -5.04 -4.25 -8.56
C HIS B 98 -6.32 -3.75 -9.22
N THR B 99 -6.18 -2.97 -10.28
CA THR B 99 -7.33 -2.49 -11.03
C THR B 99 -7.13 -2.78 -12.51
N ASP B 100 -8.21 -2.69 -13.29
CA ASP B 100 -8.06 -2.67 -14.74
C ASP B 100 -7.63 -1.26 -15.18
N ASP B 101 -7.43 -1.08 -16.47
CA ASP B 101 -6.79 0.14 -16.98
C ASP B 101 -7.73 1.35 -17.04
N PHE B 102 -9.03 1.12 -16.92
CA PHE B 102 -10.00 2.20 -17.02
C PHE B 102 -9.85 3.21 -15.87
N PRO B 103 -9.64 4.49 -16.23
CA PRO B 103 -9.41 5.56 -15.27
C PRO B 103 -10.71 6.13 -14.70
N TYR B 104 -10.58 6.94 -13.66
CA TYR B 104 -11.74 7.64 -13.09
C TYR B 104 -11.92 8.98 -13.77
N ALA B 105 -13.07 9.61 -13.51
CA ALA B 105 -13.48 10.84 -14.17
C ALA B 105 -12.46 11.97 -14.19
N ASN B 106 -11.76 12.17 -13.08
CA ASN B 106 -10.80 13.26 -13.00
C ASN B 106 -9.36 12.78 -13.00
N GLY B 107 -9.10 11.68 -13.70
CA GLY B 107 -7.76 11.14 -13.81
C GLY B 107 -7.19 10.68 -12.48
N GLU B 108 -6.10 11.30 -12.06
CA GLU B 108 -5.44 10.90 -10.82
C GLU B 108 -5.42 12.04 -9.81
N LYS B 109 -6.15 13.11 -10.09
CA LYS B 109 -6.24 14.25 -9.19
C LYS B 109 -7.08 13.91 -7.96
N GLY B 110 -8.13 13.10 -8.17
CA GLY B 110 -9.01 12.71 -7.10
C GLY B 110 -8.94 11.22 -6.82
N TYR B 111 -10.09 10.62 -6.52
CA TYR B 111 -10.16 9.18 -6.33
C TYR B 111 -9.75 8.50 -7.62
N SER B 112 -8.76 7.62 -7.54
CA SER B 112 -8.22 6.98 -8.73
C SER B 112 -8.04 5.48 -8.51
N ASN B 113 -7.37 4.83 -9.47
CA ASN B 113 -7.09 3.41 -9.36
C ASN B 113 -6.13 3.11 -8.22
N TRP B 114 -5.40 4.13 -7.77
CA TRP B 114 -4.53 3.99 -6.61
C TRP B 114 -5.33 3.81 -5.34
N GLU B 115 -6.34 4.65 -5.14
CA GLU B 115 -7.24 4.51 -3.99
C GLU B 115 -8.02 3.21 -4.08
N LEU B 116 -8.50 2.88 -5.28
CA LEU B 116 -9.30 1.69 -5.48
C LEU B 116 -8.51 0.41 -5.22
N SER B 117 -7.28 0.35 -5.74
CA SER B 117 -6.44 -0.83 -5.55
C SER B 117 -6.07 -1.00 -4.09
N ALA B 118 -5.83 0.10 -3.40
CA ALA B 118 -5.52 0.06 -1.97
C ALA B 118 -6.73 -0.44 -1.17
N ASP B 119 -7.91 0.05 -1.53
CA ASP B 119 -9.14 -0.37 -0.87
C ASP B 119 -9.44 -1.84 -1.11
N ARG B 120 -9.06 -2.34 -2.29
CA ARG B 120 -9.25 -3.74 -2.61
C ARG B 120 -8.29 -4.61 -1.80
N ALA B 121 -7.09 -4.12 -1.56
CA ALA B 121 -6.12 -4.83 -0.73
C ALA B 121 -6.64 -5.00 0.69
N ASN B 122 -7.19 -3.92 1.25
CA ASN B 122 -7.73 -3.95 2.60
C ASN B 122 -9.01 -4.76 2.72
N ALA B 123 -9.75 -4.86 1.62
CA ALA B 123 -10.97 -5.67 1.60
C ALA B 123 -10.61 -7.15 1.70
N SER B 124 -9.54 -7.54 1.02
CA SER B 124 -9.04 -8.91 1.11
C SER B 124 -8.47 -9.17 2.50
N ARG B 125 -7.92 -8.12 3.10
CA ARG B 125 -7.38 -8.20 4.45
C ARG B 125 -8.47 -8.53 5.47
N ARG B 126 -9.61 -7.85 5.37
CA ARG B 126 -10.70 -8.05 6.30
C ARG B 126 -11.34 -9.43 6.13
N GLU B 127 -11.30 -9.97 4.91
CA GLU B 127 -11.79 -11.32 4.66
C GLU B 127 -10.88 -12.34 5.32
N LEU B 128 -9.57 -12.09 5.26
CA LEU B 128 -8.59 -12.97 5.89
C LEU B 128 -8.78 -12.97 7.41
N VAL B 129 -8.95 -11.77 7.97
CA VAL B 129 -9.17 -11.64 9.41
C VAL B 129 -10.44 -12.35 9.84
N ALA B 130 -11.49 -12.19 9.04
CA ALA B 130 -12.76 -12.88 9.30
C ALA B 130 -12.59 -14.39 9.16
N GLY B 131 -11.60 -14.79 8.38
CA GLY B 131 -11.30 -16.21 8.19
C GLY B 131 -10.45 -16.76 9.32
N GLY B 132 -10.05 -15.88 10.24
CA GLY B 132 -9.30 -16.29 11.40
C GLY B 132 -7.82 -15.99 11.34
N LEU B 133 -7.44 -15.02 10.50
CA LEU B 133 -6.05 -14.60 10.43
C LEU B 133 -5.62 -14.00 11.76
N ASP B 134 -4.47 -14.43 12.26
CA ASP B 134 -3.98 -13.99 13.57
C ASP B 134 -3.63 -12.51 13.56
N ASN B 135 -3.67 -11.91 14.74
CA ASN B 135 -3.27 -10.52 14.91
C ASN B 135 -1.77 -10.38 14.69
N GLY B 136 -1.38 -9.38 13.91
CA GLY B 136 0.02 -9.10 13.68
C GLY B 136 0.63 -9.82 12.48
N LYS B 137 -0.19 -10.57 11.77
CA LYS B 137 0.29 -11.29 10.58
C LYS B 137 0.57 -10.33 9.44
N VAL B 138 -0.33 -9.38 9.21
CA VAL B 138 -0.17 -8.42 8.14
C VAL B 138 0.92 -7.40 8.48
N LEU B 139 1.81 -7.17 7.52
CA LEU B 139 2.89 -6.20 7.71
C LEU B 139 2.73 -5.03 6.76
N ARG B 140 1.97 -5.23 5.70
CA ARG B 140 1.87 -4.24 4.63
C ARG B 140 0.66 -4.44 3.73
N VAL B 141 0.00 -3.35 3.36
CA VAL B 141 -1.01 -3.38 2.31
C VAL B 141 -0.57 -2.49 1.16
N VAL B 142 -0.83 -2.93 -0.07
CA VAL B 142 -0.26 -2.29 -1.24
C VAL B 142 -1.31 -2.01 -2.33
N GLY B 143 -1.28 -0.80 -2.88
CA GLY B 143 -2.08 -0.47 -4.05
C GLY B 143 -1.19 -0.36 -5.27
N MET B 144 -1.44 -1.20 -6.27
CA MET B 144 -0.60 -1.23 -7.47
C MET B 144 -1.29 -0.59 -8.67
N ALA B 145 -2.55 -0.18 -8.47
CA ALA B 145 -3.38 0.34 -9.56
C ALA B 145 -3.42 -0.63 -10.73
N ALA B 146 -3.04 -0.16 -11.91
CA ALA B 146 -3.05 -1.00 -13.11
C ALA B 146 -1.64 -1.22 -13.65
N THR B 147 -0.64 -1.05 -12.81
CA THR B 147 0.75 -1.14 -13.23
C THR B 147 1.22 -2.58 -13.41
N MET B 148 0.43 -3.53 -12.91
CA MET B 148 0.80 -4.94 -13.01
C MET B 148 -0.34 -5.80 -13.52
N ARG B 149 -0.56 -5.75 -14.83
CA ARG B 149 -1.57 -6.59 -15.47
C ARG B 149 -1.18 -8.06 -15.32
N LEU B 150 -2.15 -8.95 -15.47
CA LEU B 150 -1.89 -10.38 -15.35
C LEU B 150 -0.95 -10.85 -16.47
N SER B 151 -0.33 -12.01 -16.24
CA SER B 151 0.79 -12.48 -17.05
C SER B 151 0.55 -12.52 -18.56
N ASP B 152 -0.69 -12.78 -18.97
CA ASP B 152 -0.98 -12.88 -20.41
C ASP B 152 -2.33 -12.29 -20.78
N ARG B 153 -2.73 -11.24 -20.07
CA ARG B 153 -3.95 -10.51 -20.41
C ARG B 153 -3.60 -9.06 -20.70
N GLY B 154 -4.49 -8.37 -21.41
CA GLY B 154 -4.34 -6.94 -21.61
C GLY B 154 -4.62 -6.21 -20.31
N PRO B 155 -4.11 -4.97 -20.18
CA PRO B 155 -4.34 -4.19 -18.98
C PRO B 155 -5.81 -3.78 -18.82
N ASP B 156 -6.59 -3.97 -19.89
CA ASP B 156 -8.00 -3.59 -19.90
C ASP B 156 -8.90 -4.73 -19.45
N ASP B 157 -8.34 -5.93 -19.33
CA ASP B 157 -9.13 -7.11 -19.01
C ASP B 157 -9.73 -7.03 -17.60
N ALA B 158 -10.96 -7.51 -17.47
CA ALA B 158 -11.72 -7.38 -16.23
C ALA B 158 -11.13 -8.20 -15.08
N ILE B 159 -10.39 -9.25 -15.41
CA ILE B 159 -9.83 -10.11 -14.36
C ILE B 159 -8.60 -9.48 -13.71
N ASN B 160 -8.18 -8.32 -14.22
CA ASN B 160 -7.13 -7.54 -13.58
C ASN B 160 -7.62 -6.97 -12.25
N ARG B 161 -8.94 -6.85 -12.12
CA ARG B 161 -9.55 -6.41 -10.87
C ARG B 161 -9.42 -7.53 -9.84
N ARG B 162 -8.37 -7.45 -9.02
CA ARG B 162 -7.99 -8.57 -8.18
C ARG B 162 -7.10 -8.16 -7.02
N ILE B 163 -6.80 -9.14 -6.16
CA ILE B 163 -5.78 -8.97 -5.14
C ILE B 163 -4.76 -10.10 -5.26
N SER B 164 -3.56 -9.88 -4.74
CA SER B 164 -2.54 -10.92 -4.69
C SER B 164 -1.91 -10.95 -3.31
N LEU B 165 -1.44 -12.11 -2.89
CA LEU B 165 -0.85 -12.26 -1.56
C LEU B 165 0.65 -12.43 -1.66
N LEU B 166 1.36 -12.04 -0.61
CA LEU B 166 2.80 -12.18 -0.56
C LEU B 166 3.27 -12.58 0.83
N VAL B 167 3.93 -13.74 0.90
CA VAL B 167 4.53 -14.19 2.15
C VAL B 167 5.97 -13.69 2.22
N LEU B 168 6.20 -12.71 3.08
CA LEU B 168 7.49 -12.03 3.13
C LEU B 168 8.59 -12.89 3.72
N ASN B 169 9.74 -12.92 3.05
CA ASN B 169 10.92 -13.56 3.61
C ASN B 169 11.51 -12.67 4.70
N LYS B 170 12.41 -13.23 5.50
CA LYS B 170 12.96 -12.53 6.66
C LYS B 170 13.71 -11.26 6.26
N GLN B 171 14.34 -11.28 5.10
CA GLN B 171 15.13 -10.13 4.64
C GLN B 171 14.23 -8.93 4.33
N ALA B 172 13.11 -9.19 3.65
CA ALA B 172 12.15 -8.14 3.35
C ALA B 172 11.50 -7.62 4.63
N GLU B 173 11.25 -8.54 5.55
CA GLU B 173 10.62 -8.22 6.83
C GLU B 173 11.52 -7.33 7.68
N GLN B 174 12.82 -7.56 7.60
CA GLN B 174 13.79 -6.76 8.34
C GLN B 174 14.01 -5.39 7.70
N ALA B 175 13.99 -5.36 6.38
CA ALA B 175 14.15 -4.11 5.64
C ALA B 175 12.99 -3.16 5.93
N ILE B 176 11.90 -3.72 6.42
CA ILE B 176 10.71 -2.97 6.78
C ILE B 176 10.69 -2.63 8.26
N LEU B 177 10.92 -3.63 9.11
CA LEU B 177 10.83 -3.47 10.56
C LEU B 177 12.05 -2.76 11.16
N HIS B 178 13.24 -3.05 10.64
CA HIS B 178 14.47 -2.45 11.15
C HIS B 178 14.88 -1.21 10.35
N HIS B 179 13.99 -0.79 9.46
CA HIS B 179 14.25 0.35 8.57
C HIS B 179 14.76 1.58 9.31
#